data_3U2X
#
_entry.id   3U2X
#
_cell.length_a   46.700
_cell.length_b   46.860
_cell.length_c   69.700
_cell.angle_alpha   79.57
_cell.angle_beta   88.96
_cell.angle_gamma   77.25
#
_symmetry.space_group_name_H-M   'P 1'
#
loop_
_entity.id
_entity.type
_entity.pdbx_description
1 polymer Glycogenin-1
2 non-polymer 'MANGANESE (II) ION'
3 non-polymer "URIDINE-5'-DIPHOSPHATE"
4 non-polymer 1,5-anhydro-D-glucitol
5 non-polymer 1,2-ETHANEDIOL
6 water water
#
_entity_poly.entity_id   1
_entity_poly.type   'polypeptide(L)'
_entity_poly.pdbx_seq_one_letter_code
;SMTDQAFVTLTTNDAYAKGALVLGSSLKQHRTTRRLVVLATPQVSDSMRKVLETVFDEVIMVDVLDSGDSAHLTLMKRPE
LGVTLTKLHCWSLTQYSKCVFMDADTLVLANIDDLFDREELSAAPDPGWPDCFNSGVFVYQPSVETYNQLLHLASEQGSF
DGGDQGILNTFFSSWATTDIRKHLPFIYNLSSISIYSYLPAFKVFGASAKVVHFLGRVKPWNYTYDPKTKSVKSEAHDPN
MTHPEFLILWWNIFTTNVLPLLQ
;
_entity_poly.pdbx_strand_id   A,B
#
# COMPACT_ATOMS: atom_id res chain seq x y z
N SER A 1 -24.75 -16.50 -14.71
CA SER A 1 -24.00 -17.04 -13.54
C SER A 1 -22.90 -17.97 -14.03
N MET A 2 -23.27 -19.11 -14.61
CA MET A 2 -22.28 -19.95 -15.26
C MET A 2 -21.95 -19.25 -16.59
N THR A 3 -22.93 -19.22 -17.49
CA THR A 3 -22.71 -18.87 -18.90
C THR A 3 -22.36 -17.40 -19.21
N ASP A 4 -22.95 -16.44 -18.49
CA ASP A 4 -22.79 -15.04 -18.88
C ASP A 4 -21.79 -14.27 -17.99
N GLN A 5 -20.94 -15.01 -17.28
CA GLN A 5 -19.87 -14.39 -16.47
C GLN A 5 -18.59 -15.20 -16.69
N ALA A 6 -17.45 -14.50 -16.68
CA ALA A 6 -16.12 -15.04 -16.98
C ALA A 6 -14.99 -14.43 -16.16
N PHE A 7 -13.92 -15.22 -16.00
CA PHE A 7 -12.62 -14.73 -15.64
C PHE A 7 -11.88 -14.47 -16.93
N VAL A 8 -11.20 -13.35 -16.99
CA VAL A 8 -10.55 -12.90 -18.22
C VAL A 8 -9.13 -12.57 -17.89
N THR A 9 -8.22 -13.14 -18.70
CA THR A 9 -6.80 -12.82 -18.64
C THR A 9 -6.27 -12.41 -20.01
N LEU A 10 -4.97 -12.08 -20.07
CA LEU A 10 -4.33 -11.52 -21.26
C LEU A 10 -2.95 -12.09 -21.41
N THR A 11 -2.62 -12.49 -22.63
CA THR A 11 -1.21 -12.72 -22.94
C THR A 11 -0.78 -12.26 -24.33
N THR A 12 0.32 -11.51 -24.40
CA THR A 12 0.76 -11.01 -25.67
C THR A 12 1.93 -11.84 -26.19
N ASN A 13 2.39 -12.82 -25.42
CA ASN A 13 3.50 -13.66 -25.82
C ASN A 13 3.47 -15.02 -25.13
N ASP A 14 4.38 -15.91 -25.53
CA ASP A 14 4.40 -17.28 -25.00
C ASP A 14 4.92 -17.38 -23.55
N ALA A 15 5.65 -16.35 -23.12
CA ALA A 15 6.14 -16.24 -21.75
C ALA A 15 4.98 -16.03 -20.78
N TYR A 16 4.23 -14.95 -20.95
CA TYR A 16 3.05 -14.74 -20.09
C TYR A 16 2.02 -15.81 -20.35
N ALA A 17 2.06 -16.48 -21.49
CA ALA A 17 1.06 -17.53 -21.70
C ALA A 17 1.25 -18.67 -20.69
N LYS A 18 2.47 -18.88 -20.20
CA LYS A 18 2.72 -19.88 -19.16
C LYS A 18 2.00 -19.50 -17.87
N GLY A 19 2.02 -18.19 -17.55
CA GLY A 19 1.29 -17.65 -16.40
C GLY A 19 -0.21 -17.82 -16.56
N ALA A 20 -0.71 -17.47 -17.73
CA ALA A 20 -2.17 -17.65 -17.98
C ALA A 20 -2.54 -19.13 -17.81
N LEU A 21 -1.68 -20.04 -18.27
CA LEU A 21 -1.94 -21.49 -18.14
C LEU A 21 -2.02 -21.89 -16.66
N VAL A 22 -1.09 -21.38 -15.86
CA VAL A 22 -1.14 -21.68 -14.43
C VAL A 22 -2.35 -21.06 -13.76
N LEU A 23 -2.65 -19.81 -14.10
CA LEU A 23 -3.84 -19.11 -13.58
C LEU A 23 -5.11 -19.91 -13.87
N GLY A 24 -5.31 -20.23 -15.15
CA GLY A 24 -6.48 -21.01 -15.56
C GLY A 24 -6.57 -22.35 -14.88
N SER A 25 -5.45 -23.08 -14.82
CA SER A 25 -5.42 -24.34 -14.09
C SER A 25 -5.83 -24.20 -12.62
N SER A 26 -5.33 -23.15 -11.98
CA SER A 26 -5.68 -22.87 -10.59
C SER A 26 -7.18 -22.52 -10.41
N LEU A 27 -7.80 -21.82 -11.35
CA LEU A 27 -9.26 -21.53 -11.27
C LEU A 27 -10.12 -22.80 -11.43
N LYS A 28 -9.69 -23.68 -12.33
CA LYS A 28 -10.28 -25.03 -12.42
C LYS A 28 -10.07 -25.87 -11.17
N GLN A 29 -8.86 -25.85 -10.60
CA GLN A 29 -8.57 -26.58 -9.35
C GLN A 29 -9.53 -26.18 -8.25
N HIS A 30 -9.86 -24.89 -8.17
CA HIS A 30 -10.77 -24.42 -7.14
C HIS A 30 -12.24 -24.34 -7.60
N ARG A 31 -12.54 -25.06 -8.68
CA ARG A 31 -13.91 -25.36 -9.09
C ARG A 31 -14.79 -24.13 -9.37
N THR A 32 -14.24 -23.18 -10.13
CA THR A 32 -15.07 -22.05 -10.58
C THR A 32 -16.22 -22.57 -11.44
N THR A 33 -17.38 -21.91 -11.35
CA THR A 33 -18.51 -22.21 -12.21
C THR A 33 -18.66 -21.20 -13.36
N ARG A 34 -17.73 -20.26 -13.46
CA ARG A 34 -17.73 -19.28 -14.53
C ARG A 34 -16.88 -19.73 -15.72
N ARG A 35 -17.08 -19.06 -16.85
CA ARG A 35 -16.22 -19.23 -18.03
CA ARG A 35 -16.22 -19.28 -18.01
C ARG A 35 -14.80 -18.73 -17.78
N LEU A 36 -13.83 -19.31 -18.49
CA LEU A 36 -12.44 -18.86 -18.50
C LEU A 36 -12.11 -18.40 -19.92
N VAL A 37 -11.62 -17.17 -20.05
CA VAL A 37 -11.34 -16.54 -21.32
C VAL A 37 -9.94 -15.93 -21.27
N VAL A 38 -9.22 -16.06 -22.39
CA VAL A 38 -7.92 -15.39 -22.52
C VAL A 38 -7.83 -14.58 -23.79
N LEU A 39 -7.42 -13.32 -23.63
CA LEU A 39 -7.12 -12.43 -24.75
C LEU A 39 -5.71 -12.71 -25.17
N ALA A 40 -5.48 -12.86 -26.46
CA ALA A 40 -4.16 -13.16 -26.97
C ALA A 40 -3.94 -12.34 -28.22
N THR A 41 -2.67 -12.03 -28.46
CA THR A 41 -2.25 -11.21 -29.55
C THR A 41 -1.42 -12.06 -30.52
N PRO A 42 -1.17 -11.53 -31.72
CA PRO A 42 -0.52 -12.34 -32.75
C PRO A 42 0.86 -12.93 -32.44
N GLN A 43 1.60 -12.40 -31.47
CA GLN A 43 2.94 -12.89 -31.07
CA GLN A 43 2.94 -12.95 -31.19
C GLN A 43 2.85 -14.26 -30.38
N VAL A 44 1.68 -14.53 -29.80
CA VAL A 44 1.45 -15.85 -29.19
C VAL A 44 1.48 -16.89 -30.32
N SER A 45 2.32 -17.91 -30.17
CA SER A 45 2.50 -18.91 -31.25
C SER A 45 1.22 -19.71 -31.52
N ASP A 46 1.04 -20.20 -32.74
CA ASP A 46 -0.15 -21.02 -33.03
C ASP A 46 -0.23 -22.23 -32.09
N SER A 47 0.90 -22.91 -31.88
CA SER A 47 0.95 -24.07 -30.99
C SER A 47 0.57 -23.70 -29.56
N MET A 48 1.02 -22.53 -29.09
CA MET A 48 0.61 -22.04 -27.76
C MET A 48 -0.87 -21.65 -27.68
N ARG A 49 -1.43 -21.11 -28.76
CA ARG A 49 -2.88 -20.83 -28.79
C ARG A 49 -3.70 -22.12 -28.62
N LYS A 50 -3.23 -23.20 -29.25
CA LYS A 50 -3.89 -24.50 -29.18
C LYS A 50 -3.87 -24.99 -27.73
N VAL A 51 -2.73 -24.85 -27.05
CA VAL A 51 -2.63 -25.24 -25.65
C VAL A 51 -3.58 -24.39 -24.79
N LEU A 52 -3.59 -23.08 -25.00
CA LEU A 52 -4.53 -22.19 -24.29
C LEU A 52 -6.02 -22.62 -24.43
N GLU A 53 -6.38 -23.07 -25.63
CA GLU A 53 -7.74 -23.59 -25.90
C GLU A 53 -8.09 -24.87 -25.14
N THR A 54 -7.08 -25.60 -24.65
CA THR A 54 -7.32 -26.79 -23.81
C THR A 54 -7.55 -26.45 -22.33
N VAL A 55 -7.21 -25.23 -21.93
CA VAL A 55 -7.44 -24.76 -20.57
C VAL A 55 -8.56 -23.71 -20.51
N PHE A 56 -8.60 -22.80 -21.48
CA PHE A 56 -9.58 -21.72 -21.48
C PHE A 56 -10.78 -22.10 -22.31
N ASP A 57 -11.96 -21.64 -21.91
CA ASP A 57 -13.17 -21.89 -22.67
C ASP A 57 -13.07 -21.23 -24.04
N GLU A 58 -12.45 -20.05 -24.09
CA GLU A 58 -12.22 -19.38 -25.35
C GLU A 58 -10.94 -18.58 -25.37
N VAL A 59 -10.26 -18.64 -26.51
CA VAL A 59 -9.11 -17.80 -26.78
C VAL A 59 -9.58 -16.75 -27.78
N ILE A 60 -9.52 -15.48 -27.39
CA ILE A 60 -10.00 -14.39 -28.20
C ILE A 60 -8.82 -13.57 -28.72
N MET A 61 -8.65 -13.54 -30.05
CA MET A 61 -7.56 -12.82 -30.66
C MET A 61 -7.87 -11.34 -30.75
N VAL A 62 -6.93 -10.53 -30.27
CA VAL A 62 -7.06 -9.08 -30.24
C VAL A 62 -5.76 -8.46 -30.74
N ASP A 63 -5.85 -7.19 -31.12
CA ASP A 63 -4.68 -6.42 -31.55
C ASP A 63 -3.91 -5.86 -30.34
N VAL A 64 -2.58 -5.89 -30.40
CA VAL A 64 -1.79 -5.20 -29.40
C VAL A 64 -2.09 -3.68 -29.40
N LEU A 65 -2.33 -3.14 -28.20
CA LEU A 65 -2.40 -1.71 -27.93
C LEU A 65 -1.18 -1.34 -27.07
N ASP A 66 -0.40 -0.38 -27.57
CA ASP A 66 0.88 -0.06 -26.97
C ASP A 66 0.93 1.45 -26.76
N SER A 67 1.23 1.87 -25.53
CA SER A 67 1.26 3.27 -25.16
C SER A 67 2.43 4.00 -25.82
N GLY A 68 3.51 3.27 -26.10
CA GLY A 68 4.77 3.86 -26.55
C GLY A 68 5.36 4.94 -25.62
N ASP A 69 4.89 4.96 -24.37
CA ASP A 69 5.18 6.02 -23.41
C ASP A 69 6.43 5.68 -22.62
N SER A 70 7.59 5.77 -23.27
CA SER A 70 8.83 5.35 -22.64
C SER A 70 9.17 6.21 -21.40
N ALA A 71 8.81 7.49 -21.41
CA ALA A 71 9.09 8.36 -20.26
C ALA A 71 8.36 7.91 -18.98
N HIS A 72 7.09 7.54 -19.08
CA HIS A 72 6.38 7.11 -17.87
C HIS A 72 6.74 5.69 -17.45
N LEU A 73 6.93 4.82 -18.44
CA LEU A 73 7.31 3.45 -18.15
C LEU A 73 8.68 3.41 -17.48
N THR A 74 9.62 4.23 -17.95
CA THR A 74 10.95 4.37 -17.30
C THR A 74 10.86 4.80 -15.82
N LEU A 75 9.94 5.70 -15.50
CA LEU A 75 9.71 6.07 -14.09
C LEU A 75 9.43 4.82 -13.25
N MET A 76 8.67 3.87 -13.81
CA MET A 76 8.40 2.62 -13.10
C MET A 76 9.55 1.64 -13.16
N LYS A 77 10.50 1.88 -14.06
CA LYS A 77 11.55 0.89 -14.35
C LYS A 77 10.91 -0.36 -14.97
N ARG A 78 9.87 -0.16 -15.78
CA ARG A 78 9.25 -1.28 -16.49
C ARG A 78 9.08 -0.87 -17.94
N PRO A 79 10.19 -0.75 -18.68
CA PRO A 79 10.11 -0.27 -20.06
C PRO A 79 9.26 -1.15 -21.01
N GLU A 80 8.93 -2.37 -20.59
CA GLU A 80 8.21 -3.31 -21.45
C GLU A 80 6.67 -3.29 -21.35
N LEU A 81 6.13 -2.53 -20.41
CA LEU A 81 4.68 -2.64 -20.12
C LEU A 81 3.79 -1.77 -20.98
N GLY A 82 4.33 -1.08 -22.00
CA GLY A 82 3.43 -0.30 -22.87
C GLY A 82 2.32 -1.13 -23.50
N VAL A 83 2.60 -2.42 -23.71
CA VAL A 83 1.68 -3.31 -24.37
C VAL A 83 0.55 -3.70 -23.41
N THR A 84 0.59 -3.26 -22.14
CA THR A 84 -0.49 -3.59 -21.20
C THR A 84 -1.75 -2.80 -21.50
N LEU A 85 -1.69 -1.81 -22.38
CA LEU A 85 -2.96 -1.14 -22.82
C LEU A 85 -3.92 -2.15 -23.53
N THR A 86 -3.37 -3.28 -23.94
CA THR A 86 -4.12 -4.32 -24.63
C THR A 86 -5.23 -4.81 -23.70
N LYS A 87 -5.01 -4.68 -22.39
CA LYS A 87 -6.00 -5.09 -21.41
C LYS A 87 -7.37 -4.40 -21.60
N LEU A 88 -7.35 -3.18 -22.16
CA LEU A 88 -8.59 -2.43 -22.35
C LEU A 88 -9.61 -3.17 -23.22
N HIS A 89 -9.13 -4.11 -24.07
CA HIS A 89 -10.04 -4.96 -24.86
C HIS A 89 -10.98 -5.83 -24.01
N CYS A 90 -10.65 -6.03 -22.74
CA CYS A 90 -11.55 -6.82 -21.86
C CYS A 90 -12.97 -6.22 -21.82
N TRP A 91 -13.09 -4.90 -21.99
CA TRP A 91 -14.44 -4.26 -22.00
C TRP A 91 -15.27 -4.54 -23.27
N SER A 92 -14.66 -5.15 -24.28
CA SER A 92 -15.37 -5.45 -25.54
C SER A 92 -16.17 -6.75 -25.48
N LEU A 93 -16.05 -7.47 -24.36
CA LEU A 93 -16.50 -8.85 -24.26
C LEU A 93 -17.95 -8.91 -23.82
N THR A 94 -18.78 -8.28 -24.62
CA THR A 94 -20.19 -8.06 -24.29
C THR A 94 -21.06 -9.36 -24.34
N GLN A 95 -20.46 -10.47 -24.73
CA GLN A 95 -21.07 -11.79 -24.52
C GLN A 95 -21.24 -12.11 -23.03
N TYR A 96 -20.52 -11.40 -22.16
CA TYR A 96 -20.65 -11.51 -20.71
C TYR A 96 -21.18 -10.21 -20.08
N SER A 97 -22.06 -10.37 -19.09
CA SER A 97 -22.63 -9.24 -18.36
C SER A 97 -21.68 -8.76 -17.24
N LYS A 98 -20.78 -9.62 -16.76
CA LYS A 98 -19.84 -9.28 -15.68
C LYS A 98 -18.62 -10.19 -15.80
N CYS A 99 -17.46 -9.61 -15.60
CA CYS A 99 -16.22 -10.36 -15.65
C CYS A 99 -15.27 -9.97 -14.50
N VAL A 100 -14.32 -10.84 -14.25
CA VAL A 100 -13.25 -10.55 -13.35
C VAL A 100 -12.00 -10.62 -14.22
N PHE A 101 -11.31 -9.49 -14.40
CA PHE A 101 -10.05 -9.51 -15.10
C PHE A 101 -8.95 -9.93 -14.12
N MET A 102 -8.05 -10.80 -14.55
CA MET A 102 -6.91 -11.26 -13.71
C MET A 102 -5.67 -11.30 -14.55
N ASP A 103 -4.65 -10.62 -14.05
CA ASP A 103 -3.32 -10.60 -14.66
C ASP A 103 -2.82 -12.06 -14.81
N ALA A 104 -2.06 -12.31 -15.87
CA ALA A 104 -1.48 -13.63 -16.17
C ALA A 104 -0.39 -14.06 -15.17
N ASP A 105 0.11 -13.13 -14.37
CA ASP A 105 1.07 -13.42 -13.30
C ASP A 105 0.36 -13.52 -11.93
N THR A 106 -0.91 -13.93 -11.95
CA THR A 106 -1.65 -14.25 -10.71
C THR A 106 -1.87 -15.73 -10.58
N LEU A 107 -2.27 -16.13 -9.37
CA LEU A 107 -2.42 -17.49 -8.98
C LEU A 107 -3.53 -17.57 -7.94
N VAL A 108 -4.49 -18.42 -8.21
CA VAL A 108 -5.66 -18.60 -7.35
C VAL A 108 -5.46 -19.72 -6.34
N LEU A 109 -5.80 -19.43 -5.08
CA LEU A 109 -5.54 -20.30 -3.94
C LEU A 109 -6.83 -20.84 -3.32
N ALA A 110 -7.96 -20.29 -3.72
CA ALA A 110 -9.27 -20.74 -3.27
C ALA A 110 -10.33 -20.26 -4.25
N ASN A 111 -11.56 -20.76 -4.14
CA ASN A 111 -12.64 -20.31 -4.99
C ASN A 111 -12.91 -18.83 -4.69
N ILE A 112 -13.00 -18.04 -5.75
CA ILE A 112 -13.21 -16.59 -5.66
C ILE A 112 -14.42 -16.18 -6.49
N ASP A 113 -15.36 -17.11 -6.65
CA ASP A 113 -16.59 -16.81 -7.42
C ASP A 113 -17.46 -15.75 -6.73
N ASP A 114 -17.27 -15.54 -5.43
CA ASP A 114 -17.95 -14.44 -4.74
C ASP A 114 -17.58 -13.04 -5.26
N LEU A 115 -16.48 -12.88 -6.00
CA LEU A 115 -16.21 -11.61 -6.66
C LEU A 115 -17.35 -11.12 -7.55
N PHE A 116 -18.16 -12.04 -8.05
CA PHE A 116 -19.30 -11.71 -8.92
C PHE A 116 -20.47 -11.08 -8.21
N ASP A 117 -20.41 -11.04 -6.88
CA ASP A 117 -21.32 -10.17 -6.13
C ASP A 117 -20.94 -8.69 -6.26
N ARG A 118 -19.72 -8.38 -6.69
CA ARG A 118 -19.26 -6.97 -6.72
C ARG A 118 -19.70 -6.26 -8.00
N GLU A 119 -19.66 -4.94 -7.97
CA GLU A 119 -20.05 -4.12 -9.13
C GLU A 119 -18.82 -3.45 -9.69
N GLU A 120 -18.85 -3.13 -10.99
CA GLU A 120 -17.77 -2.31 -11.56
C GLU A 120 -17.66 -0.92 -10.87
N LEU A 121 -16.45 -0.40 -10.62
CA LEU A 121 -15.14 -1.08 -10.75
C LEU A 121 -14.69 -1.41 -9.33
N SER A 122 -14.54 -2.71 -9.03
CA SER A 122 -14.12 -3.19 -7.72
C SER A 122 -12.74 -3.76 -7.85
N ALA A 123 -11.85 -3.34 -6.97
CA ALA A 123 -10.46 -3.73 -7.05
C ALA A 123 -9.78 -3.47 -5.69
N ALA A 124 -8.67 -4.15 -5.46
CA ALA A 124 -7.83 -4.03 -4.27
C ALA A 124 -6.89 -2.83 -4.33
N PRO A 125 -6.51 -2.28 -3.16
CA PRO A 125 -5.54 -1.15 -3.16
C PRO A 125 -4.18 -1.63 -3.62
N ASP A 126 -3.47 -0.76 -4.33
CA ASP A 126 -2.10 -1.03 -4.76
C ASP A 126 -1.13 -0.72 -3.61
N PRO A 127 -0.24 -1.66 -3.26
CA PRO A 127 0.71 -1.36 -2.16
C PRO A 127 1.60 -0.15 -2.37
N GLY A 128 1.94 0.17 -3.62
CA GLY A 128 2.82 1.30 -3.89
C GLY A 128 2.18 2.64 -3.54
N TRP A 129 0.95 2.81 -3.98
CA TRP A 129 0.18 4.06 -3.79
C TRP A 129 -1.25 3.61 -3.51
N PRO A 130 -1.60 3.42 -2.23
CA PRO A 130 -2.84 2.68 -1.96
C PRO A 130 -4.15 3.44 -2.17
N ASP A 131 -4.07 4.70 -2.59
CA ASP A 131 -5.24 5.43 -3.11
C ASP A 131 -5.50 5.16 -4.60
N CYS A 132 -4.61 4.38 -5.22
CA CYS A 132 -4.85 3.78 -6.51
C CYS A 132 -5.13 2.31 -6.30
N PHE A 133 -5.97 1.77 -7.17
CA PHE A 133 -6.21 0.32 -7.13
C PHE A 133 -5.20 -0.38 -8.02
N ASN A 134 -4.84 -1.59 -7.63
CA ASN A 134 -4.02 -2.46 -8.46
C ASN A 134 -4.91 -3.06 -9.55
N SER A 135 -4.47 -2.91 -10.78
CA SER A 135 -5.23 -3.33 -11.97
C SER A 135 -5.02 -4.83 -12.34
N GLY A 136 -4.28 -5.58 -11.53
CA GLY A 136 -4.15 -7.05 -11.65
C GLY A 136 -5.35 -7.95 -11.35
N VAL A 137 -6.35 -7.46 -10.61
CA VAL A 137 -7.59 -8.20 -10.31
C VAL A 137 -8.70 -7.16 -10.20
N PHE A 138 -9.67 -7.22 -11.08
CA PHE A 138 -10.77 -6.27 -11.00
C PHE A 138 -12.05 -6.78 -11.59
N VAL A 139 -13.18 -6.32 -11.04
CA VAL A 139 -14.51 -6.75 -11.43
C VAL A 139 -15.11 -5.65 -12.28
N TYR A 140 -15.56 -5.98 -13.49
CA TYR A 140 -15.97 -4.96 -14.45
C TYR A 140 -17.16 -5.47 -15.24
N GLN A 141 -17.78 -4.60 -16.01
CA GLN A 141 -18.93 -4.94 -16.79
C GLN A 141 -18.62 -4.59 -18.24
N PRO A 142 -18.49 -5.62 -19.10
CA PRO A 142 -18.27 -5.32 -20.52
C PRO A 142 -19.32 -4.35 -21.09
N SER A 143 -18.87 -3.37 -21.88
CA SER A 143 -19.78 -2.30 -22.39
C SER A 143 -19.12 -1.68 -23.59
N VAL A 144 -19.85 -1.54 -24.68
CA VAL A 144 -19.35 -0.86 -25.86
C VAL A 144 -19.06 0.62 -25.58
N GLU A 145 -19.91 1.25 -24.79
CA GLU A 145 -19.70 2.60 -24.31
C GLU A 145 -18.36 2.69 -23.53
N THR A 146 -18.23 1.90 -22.48
CA THR A 146 -17.05 2.02 -21.63
C THR A 146 -15.78 1.72 -22.42
N TYR A 147 -15.81 0.66 -23.24
CA TYR A 147 -14.68 0.26 -24.08
C TYR A 147 -14.19 1.40 -24.94
N ASN A 148 -15.13 2.04 -25.61
CA ASN A 148 -14.78 3.12 -26.52
C ASN A 148 -14.31 4.37 -25.79
N GLN A 149 -14.93 4.69 -24.66
CA GLN A 149 -14.48 5.81 -23.83
C GLN A 149 -13.02 5.58 -23.38
N LEU A 150 -12.70 4.36 -22.98
CA LEU A 150 -11.34 3.98 -22.56
C LEU A 150 -10.30 4.05 -23.68
N LEU A 151 -10.65 3.56 -24.86
CA LEU A 151 -9.79 3.67 -26.03
C LEU A 151 -9.55 5.14 -26.39
N HIS A 152 -10.60 5.98 -26.31
CA HIS A 152 -10.47 7.38 -26.66
C HIS A 152 -9.55 8.10 -25.65
N LEU A 153 -9.76 7.86 -24.36
CA LEU A 153 -8.93 8.45 -23.30
C LEU A 153 -7.48 8.02 -23.50
N ALA A 154 -7.27 6.73 -23.80
CA ALA A 154 -5.92 6.20 -24.08
C ALA A 154 -5.26 6.91 -25.24
N SER A 155 -6.02 7.16 -26.30
CA SER A 155 -5.44 7.76 -27.49
C SER A 155 -5.13 9.22 -27.31
N GLU A 156 -6.00 9.95 -26.62
CA GLU A 156 -5.83 11.39 -26.44
C GLU A 156 -4.93 11.80 -25.26
N GLN A 157 -5.05 11.10 -24.14
CA GLN A 157 -4.33 11.45 -22.90
C GLN A 157 -3.19 10.48 -22.56
N GLY A 158 -3.33 9.21 -22.93
CA GLY A 158 -2.35 8.20 -22.60
C GLY A 158 -2.59 7.80 -21.15
N SER A 159 -1.56 7.20 -20.54
CA SER A 159 -1.65 6.74 -19.14
C SER A 159 -0.55 7.39 -18.32
N PHE A 160 -0.84 7.72 -17.07
CA PHE A 160 0.17 8.35 -16.21
C PHE A 160 1.34 7.45 -15.87
N ASP A 161 1.19 6.13 -16.00
CA ASP A 161 2.32 5.19 -15.79
C ASP A 161 2.75 4.46 -17.04
N GLY A 162 2.18 4.86 -18.19
CA GLY A 162 2.47 4.27 -19.49
C GLY A 162 1.82 2.93 -19.77
N GLY A 163 1.03 2.43 -18.81
CA GLY A 163 0.38 1.14 -18.92
C GLY A 163 -1.08 1.22 -18.56
N ASP A 164 -1.72 0.08 -18.37
CA ASP A 164 -3.14 0.06 -18.08
C ASP A 164 -3.49 0.66 -16.73
N GLN A 165 -2.61 0.52 -15.73
CA GLN A 165 -3.05 0.89 -14.37
C GLN A 165 -3.30 2.39 -14.23
N GLY A 166 -2.47 3.20 -14.86
CA GLY A 166 -2.70 4.64 -14.77
C GLY A 166 -4.00 5.08 -15.39
N ILE A 167 -4.24 4.70 -16.63
CA ILE A 167 -5.47 5.07 -17.32
C ILE A 167 -6.74 4.54 -16.60
N LEU A 168 -6.71 3.30 -16.15
CA LEU A 168 -7.88 2.71 -15.44
C LEU A 168 -8.14 3.46 -14.12
N ASN A 169 -7.06 3.81 -13.40
CA ASN A 169 -7.20 4.67 -12.20
C ASN A 169 -7.76 6.08 -12.51
N THR A 170 -7.29 6.69 -13.60
CA THR A 170 -7.80 7.98 -14.06
C THR A 170 -9.28 7.89 -14.48
N PHE A 171 -9.60 6.89 -15.28
CA PHE A 171 -10.98 6.70 -15.72
C PHE A 171 -11.90 6.42 -14.52
N PHE A 172 -11.48 5.50 -13.63
CA PHE A 172 -12.28 5.10 -12.45
C PHE A 172 -11.75 5.85 -11.22
N SER A 173 -11.70 7.18 -11.33
CA SER A 173 -11.02 8.03 -10.36
C SER A 173 -11.77 8.19 -9.03
N SER A 174 -13.03 7.77 -8.96
CA SER A 174 -13.74 7.83 -7.69
C SER A 174 -13.42 6.68 -6.76
N TRP A 175 -12.65 5.69 -7.20
CA TRP A 175 -12.47 4.44 -6.41
C TRP A 175 -12.01 4.72 -4.96
N ALA A 176 -11.02 5.60 -4.78
CA ALA A 176 -10.44 5.80 -3.43
C ALA A 176 -11.41 6.36 -2.40
N THR A 177 -12.41 7.13 -2.84
CA THR A 177 -13.21 7.95 -1.94
C THR A 177 -14.70 7.60 -1.90
N THR A 178 -15.12 6.69 -2.78
CA THR A 178 -16.50 6.29 -2.83
CA THR A 178 -16.49 6.29 -2.93
C THR A 178 -16.64 4.80 -2.61
N ASP A 179 -17.79 4.42 -2.10
CA ASP A 179 -18.22 3.02 -1.91
C ASP A 179 -17.12 2.02 -1.50
N ILE A 180 -17.04 1.76 -0.20
CA ILE A 180 -16.06 0.84 0.32
C ILE A 180 -16.33 -0.58 -0.23
N ARG A 181 -17.56 -0.86 -0.70
CA ARG A 181 -17.83 -2.16 -1.32
C ARG A 181 -17.03 -2.38 -2.60
N LYS A 182 -16.49 -1.33 -3.20
CA LYS A 182 -15.62 -1.48 -4.38
C LYS A 182 -14.15 -1.66 -4.04
N HIS A 183 -13.81 -1.65 -2.75
CA HIS A 183 -12.48 -2.00 -2.28
C HIS A 183 -12.46 -3.50 -1.98
N LEU A 184 -11.83 -4.26 -2.86
CA LEU A 184 -11.65 -5.69 -2.63
C LEU A 184 -10.63 -5.84 -1.51
N PRO A 185 -10.89 -6.77 -0.60
CA PRO A 185 -9.89 -7.13 0.39
C PRO A 185 -8.58 -7.52 -0.28
N PHE A 186 -7.49 -7.10 0.34
CA PHE A 186 -6.12 -7.25 -0.18
C PHE A 186 -5.80 -8.73 -0.38
N ILE A 187 -6.46 -9.61 0.35
CA ILE A 187 -6.34 -11.06 0.10
C ILE A 187 -6.86 -11.57 -1.25
N TYR A 188 -7.63 -10.75 -1.99
CA TYR A 188 -8.02 -11.08 -3.36
C TYR A 188 -6.99 -10.63 -4.40
N ASN A 189 -5.91 -9.99 -3.95
CA ASN A 189 -4.85 -9.51 -4.81
C ASN A 189 -3.62 -9.21 -3.94
N LEU A 190 -3.00 -10.28 -3.45
CA LEU A 190 -1.91 -10.20 -2.49
C LEU A 190 -0.58 -10.15 -3.21
N SER A 191 -0.01 -8.94 -3.28
CA SER A 191 1.30 -8.71 -3.88
CA SER A 191 1.28 -8.77 -3.91
C SER A 191 2.37 -9.40 -3.04
N SER A 192 3.27 -10.14 -3.67
CA SER A 192 4.39 -10.69 -2.93
C SER A 192 5.18 -9.60 -2.19
N ILE A 193 5.21 -8.38 -2.72
CA ILE A 193 5.95 -7.28 -2.13
C ILE A 193 5.37 -6.84 -0.75
N SER A 194 4.06 -6.99 -0.52
CA SER A 194 3.50 -6.73 0.83
C SER A 194 3.94 -7.72 1.92
N ILE A 195 4.27 -8.94 1.50
CA ILE A 195 4.80 -9.95 2.42
C ILE A 195 6.16 -9.51 2.99
N TYR A 196 7.05 -9.01 2.12
CA TYR A 196 8.36 -8.51 2.56
C TYR A 196 8.24 -7.25 3.41
N SER A 197 7.34 -6.35 2.99
CA SER A 197 7.25 -5.01 3.57
C SER A 197 6.61 -4.94 4.95
N TYR A 198 5.59 -5.76 5.21
CA TYR A 198 5.01 -5.78 6.56
C TYR A 198 4.70 -7.22 6.91
N LEU A 199 5.75 -7.97 7.17
CA LEU A 199 5.69 -9.40 7.42
C LEU A 199 4.78 -9.73 8.63
N PRO A 200 4.76 -8.88 9.67
CA PRO A 200 3.84 -9.19 10.78
C PRO A 200 2.37 -9.23 10.37
N ALA A 201 1.97 -8.42 9.40
CA ALA A 201 0.59 -8.45 8.91
C ALA A 201 0.35 -9.75 8.16
N PHE A 202 1.32 -10.16 7.34
CA PHE A 202 1.19 -11.43 6.61
C PHE A 202 1.08 -12.64 7.54
N LYS A 203 1.87 -12.66 8.59
CA LYS A 203 1.75 -13.75 9.58
C LYS A 203 0.37 -13.86 10.20
N VAL A 204 -0.35 -12.75 10.40
CA VAL A 204 -1.69 -12.83 11.03
C VAL A 204 -2.80 -13.01 10.00
N PHE A 205 -2.64 -12.44 8.81
CA PHE A 205 -3.71 -12.43 7.81
C PHE A 205 -3.43 -13.33 6.60
N GLY A 206 -2.17 -13.69 6.37
CA GLY A 206 -1.75 -14.37 5.13
C GLY A 206 -2.38 -15.73 4.85
N ALA A 207 -2.81 -16.45 5.89
CA ALA A 207 -3.45 -17.78 5.75
C ALA A 207 -4.82 -17.72 5.04
N SER A 208 -5.44 -16.54 5.07
CA SER A 208 -6.69 -16.30 4.36
C SER A 208 -6.52 -15.91 2.88
N ALA A 209 -5.28 -15.91 2.37
CA ALA A 209 -5.00 -15.39 1.02
C ALA A 209 -5.70 -16.24 -0.02
N LYS A 210 -6.38 -15.58 -0.94
CA LYS A 210 -7.17 -16.22 -1.97
C LYS A 210 -6.55 -16.10 -3.35
N VAL A 211 -5.85 -14.98 -3.56
CA VAL A 211 -5.09 -14.74 -4.78
C VAL A 211 -3.68 -14.17 -4.47
N VAL A 212 -2.63 -14.76 -5.07
CA VAL A 212 -1.30 -14.15 -5.00
C VAL A 212 -0.91 -13.56 -6.36
N HIS A 213 -0.19 -12.44 -6.33
CA HIS A 213 0.15 -11.65 -7.54
C HIS A 213 1.63 -11.43 -7.55
N PHE A 214 2.28 -12.02 -8.55
CA PHE A 214 3.73 -11.94 -8.65
C PHE A 214 4.15 -10.65 -9.37
N LEU A 215 3.63 -9.53 -8.88
CA LEU A 215 3.83 -8.19 -9.39
C LEU A 215 5.31 -7.82 -9.35
N GLY A 216 5.78 -7.15 -10.40
CA GLY A 216 7.20 -6.76 -10.49
C GLY A 216 7.93 -7.44 -11.63
N ARG A 217 9.18 -7.03 -11.85
CA ARG A 217 9.94 -7.39 -13.05
C ARG A 217 10.23 -8.89 -13.20
N VAL A 218 10.52 -9.53 -12.09
CA VAL A 218 10.86 -10.96 -12.07
C VAL A 218 9.59 -11.80 -11.96
N LYS A 219 9.32 -12.65 -12.97
CA LYS A 219 8.11 -13.47 -12.95
C LYS A 219 8.42 -14.92 -12.57
N PRO A 220 7.41 -15.70 -12.10
CA PRO A 220 7.68 -17.08 -11.70
C PRO A 220 8.44 -17.86 -12.77
N TRP A 221 8.05 -17.65 -14.02
CA TRP A 221 8.65 -18.36 -15.15
C TRP A 221 10.08 -17.91 -15.49
N ASN A 222 10.61 -16.89 -14.82
CA ASN A 222 12.01 -16.57 -14.92
C ASN A 222 12.92 -17.28 -13.93
N TYR A 223 12.35 -18.07 -13.02
CA TYR A 223 13.19 -18.81 -12.06
C TYR A 223 13.59 -20.18 -12.62
N THR A 224 14.72 -20.69 -12.13
CA THR A 224 15.13 -22.07 -12.38
C THR A 224 14.58 -22.96 -11.27
N TYR A 225 13.58 -23.79 -11.61
CA TYR A 225 12.96 -24.71 -10.67
C TYR A 225 13.48 -26.15 -10.83
N ASP A 226 13.82 -26.77 -9.71
CA ASP A 226 14.18 -28.19 -9.67
C ASP A 226 13.00 -29.01 -9.13
N PRO A 227 12.32 -29.74 -10.00
CA PRO A 227 11.20 -30.59 -9.59
C PRO A 227 11.53 -31.69 -8.59
N LYS A 228 12.77 -32.20 -8.59
CA LYS A 228 13.16 -33.25 -7.69
C LYS A 228 13.13 -32.83 -6.22
N THR A 229 13.65 -31.65 -5.92
CA THR A 229 13.75 -31.16 -4.55
C THR A 229 12.68 -30.10 -4.22
N LYS A 230 11.98 -29.58 -5.24
CA LYS A 230 10.94 -28.57 -5.09
C LYS A 230 11.51 -27.24 -4.60
N SER A 231 12.60 -26.82 -5.26
CA SER A 231 13.32 -25.60 -4.94
C SER A 231 13.57 -24.74 -6.16
N VAL A 232 13.76 -23.43 -5.93
CA VAL A 232 14.22 -22.49 -6.95
C VAL A 232 15.58 -21.93 -6.59
N LYS A 233 16.36 -21.53 -7.61
CA LYS A 233 17.53 -20.69 -7.40
C LYS A 233 17.06 -19.25 -7.33
N SER A 234 17.69 -18.46 -6.46
CA SER A 234 17.33 -17.05 -6.34
C SER A 234 18.53 -16.18 -5.99
N GLU A 235 18.40 -14.89 -6.29
CA GLU A 235 19.48 -13.95 -6.07
C GLU A 235 19.10 -13.01 -4.92
N ALA A 236 20.08 -12.30 -4.39
CA ALA A 236 19.92 -11.49 -3.18
C ALA A 236 18.67 -10.60 -3.23
N HIS A 237 18.06 -10.36 -2.07
CA HIS A 237 16.97 -9.39 -1.91
C HIS A 237 15.80 -9.64 -2.85
N ASP A 238 15.13 -10.78 -2.68
CA ASP A 238 14.07 -11.21 -3.57
C ASP A 238 12.79 -11.34 -2.75
N PRO A 239 11.85 -10.37 -2.88
CA PRO A 239 10.61 -10.42 -2.08
C PRO A 239 9.78 -11.69 -2.33
N ASN A 240 9.94 -12.31 -3.50
CA ASN A 240 9.36 -13.64 -3.75
C ASN A 240 9.91 -14.75 -2.87
N MET A 241 11.06 -14.53 -2.22
CA MET A 241 11.66 -15.54 -1.34
C MET A 241 11.41 -15.32 0.17
N THR A 242 10.65 -14.29 0.54
CA THR A 242 10.23 -14.10 1.93
C THR A 242 9.37 -15.30 2.34
N HIS A 243 8.31 -15.51 1.58
CA HIS A 243 7.45 -16.68 1.67
C HIS A 243 7.47 -17.35 0.30
N PRO A 244 8.45 -18.25 0.10
CA PRO A 244 8.62 -18.82 -1.22
C PRO A 244 7.59 -19.90 -1.56
N GLU A 245 6.73 -20.28 -0.62
CA GLU A 245 5.69 -21.30 -0.85
C GLU A 245 4.75 -20.95 -2.02
N PHE A 246 4.46 -19.67 -2.24
CA PHE A 246 3.61 -19.29 -3.38
C PHE A 246 4.29 -19.53 -4.71
N LEU A 247 5.57 -19.14 -4.81
CA LEU A 247 6.37 -19.44 -5.98
C LEU A 247 6.52 -20.93 -6.23
N ILE A 248 6.70 -21.71 -5.17
CA ILE A 248 6.85 -23.16 -5.34
C ILE A 248 5.50 -23.77 -5.75
N LEU A 249 4.39 -23.25 -5.21
CA LEU A 249 3.05 -23.67 -5.66
C LEU A 249 2.81 -23.38 -7.15
N TRP A 250 3.17 -22.19 -7.60
CA TRP A 250 3.11 -21.84 -9.03
C TRP A 250 3.84 -22.93 -9.85
N TRP A 251 5.05 -23.25 -9.43
CA TRP A 251 5.89 -24.22 -10.18
C TRP A 251 5.36 -25.65 -10.11
N ASN A 252 4.75 -26.02 -8.99
CA ASN A 252 4.13 -27.32 -8.86
C ASN A 252 2.91 -27.48 -9.79
N ILE A 253 2.09 -26.46 -9.89
CA ILE A 253 0.96 -26.48 -10.85
C ILE A 253 1.47 -26.50 -12.29
N PHE A 254 2.49 -25.69 -12.57
CA PHE A 254 3.04 -25.68 -13.91
C PHE A 254 3.60 -27.06 -14.27
N THR A 255 4.43 -27.59 -13.38
CA THR A 255 5.13 -28.84 -13.64
C THR A 255 4.15 -30.04 -13.75
N THR A 256 3.13 -30.05 -12.90
CA THR A 256 2.17 -31.17 -12.83
C THR A 256 1.01 -31.09 -13.83
N ASN A 257 0.41 -29.90 -13.96
CA ASN A 257 -0.81 -29.66 -14.73
C ASN A 257 -0.57 -29.11 -16.12
N VAL A 258 0.43 -28.25 -16.27
CA VAL A 258 0.58 -27.53 -17.53
C VAL A 258 1.62 -28.21 -18.43
N LEU A 259 2.73 -28.62 -17.84
CA LEU A 259 3.78 -29.27 -18.63
C LEU A 259 3.24 -30.46 -19.48
N PRO A 260 2.34 -31.30 -18.93
CA PRO A 260 1.76 -32.39 -19.76
C PRO A 260 0.95 -31.91 -20.97
N LEU A 261 0.30 -30.75 -20.86
CA LEU A 261 -0.49 -30.20 -21.97
C LEU A 261 0.41 -29.60 -23.06
N LEU A 262 1.70 -29.39 -22.76
CA LEU A 262 2.61 -28.80 -23.73
C LEU A 262 3.31 -29.85 -24.58
N GLN A 263 3.03 -31.13 -24.27
CA GLN A 263 3.68 -32.27 -24.93
C GLN A 263 3.41 -32.26 -26.43
N SER B 1 -11.56 26.59 14.18
CA SER B 1 -10.99 27.13 15.45
C SER B 1 -11.58 26.42 16.70
N MET B 2 -10.74 25.75 17.49
CA MET B 2 -11.23 25.01 18.68
C MET B 2 -10.18 24.70 19.78
N THR B 3 -10.34 25.31 20.95
CA THR B 3 -9.48 25.02 22.11
C THR B 3 -9.63 23.59 22.70
N ASP B 4 -10.68 22.88 22.35
CA ASP B 4 -10.85 21.50 22.86
C ASP B 4 -10.43 20.41 21.87
N GLN B 5 -9.63 20.77 20.86
CA GLN B 5 -9.12 19.83 19.91
C GLN B 5 -7.61 20.08 19.77
N ALA B 6 -6.86 19.01 19.61
CA ALA B 6 -5.42 19.13 19.56
C ALA B 6 -4.77 18.18 18.58
N PHE B 7 -3.60 18.59 18.09
CA PHE B 7 -2.62 17.67 17.58
C PHE B 7 -1.78 17.14 18.73
N VAL B 8 -1.49 15.84 18.69
CA VAL B 8 -0.77 15.15 19.75
C VAL B 8 0.36 14.36 19.13
N THR B 9 1.58 14.49 19.67
CA THR B 9 2.71 13.65 19.29
C THR B 9 3.40 13.02 20.48
N LEU B 10 4.48 12.27 20.24
CA LEU B 10 5.09 11.41 21.25
C LEU B 10 6.55 11.39 21.03
N THR B 11 7.28 11.59 22.13
CA THR B 11 8.71 11.35 22.10
C THR B 11 9.25 10.74 23.41
N THR B 12 10.01 9.64 23.28
CA THR B 12 10.56 8.95 24.43
C THR B 12 12.03 9.24 24.62
N ASN B 13 12.60 10.05 23.73
CA ASN B 13 13.99 10.41 23.87
C ASN B 13 14.30 11.73 23.16
N ASP B 14 15.53 12.18 23.31
CA ASP B 14 15.94 13.48 22.77
C ASP B 14 16.12 13.47 21.23
N ALA B 15 16.26 12.27 20.66
CA ALA B 15 16.39 12.09 19.21
C ALA B 15 15.05 12.32 18.51
N TYR B 16 14.02 11.59 18.93
CA TYR B 16 12.72 11.82 18.36
C TYR B 16 12.18 13.19 18.79
N ALA B 17 12.71 13.78 19.84
CA ALA B 17 12.23 15.14 20.19
C ALA B 17 12.59 16.17 19.10
N LYS B 18 13.69 15.95 18.39
CA LYS B 18 14.02 16.85 17.25
C LYS B 18 12.93 16.78 16.17
N GLY B 19 12.43 15.55 15.92
CA GLY B 19 11.25 15.31 15.11
C GLY B 19 9.99 16.00 15.58
N ALA B 20 9.67 15.80 16.86
CA ALA B 20 8.49 16.45 17.48
C ALA B 20 8.57 17.97 17.29
N LEU B 21 9.75 18.51 17.48
CA LEU B 21 9.95 19.96 17.38
C LEU B 21 9.71 20.47 15.96
N VAL B 22 10.28 19.77 14.98
CA VAL B 22 10.05 20.11 13.59
C VAL B 22 8.57 19.96 13.19
N LEU B 23 7.93 18.85 13.59
CA LEU B 23 6.49 18.69 13.37
C LEU B 23 5.70 19.87 13.93
N GLY B 24 5.89 20.16 15.21
CA GLY B 24 5.19 21.29 15.85
C GLY B 24 5.48 22.60 15.16
N SER B 25 6.75 22.84 14.81
CA SER B 25 7.05 24.02 14.02
C SER B 25 6.26 24.11 12.70
N SER B 26 6.20 22.99 11.99
CA SER B 26 5.49 22.92 10.71
C SER B 26 3.97 23.16 10.86
N LEU B 27 3.37 22.67 11.95
CA LEU B 27 1.96 22.95 12.24
C LEU B 27 1.69 24.45 12.56
N LYS B 28 2.63 25.14 13.21
CA LYS B 28 2.52 26.60 13.37
C LYS B 28 2.69 27.36 12.03
N GLN B 29 3.68 26.93 11.24
CA GLN B 29 3.90 27.43 9.91
C GLN B 29 2.63 27.45 9.06
N HIS B 30 1.84 26.38 9.11
CA HIS B 30 0.60 26.31 8.30
C HIS B 30 -0.64 26.71 9.08
N ARG B 31 -0.42 27.46 10.17
CA ARG B 31 -1.45 28.24 10.83
C ARG B 31 -2.57 27.39 11.43
N THR B 32 -2.19 26.30 12.10
CA THR B 32 -3.19 25.54 12.84
C THR B 32 -3.89 26.40 13.87
N THR B 33 -5.17 26.12 14.07
CA THR B 33 -5.95 26.84 15.05
C THR B 33 -6.18 25.97 16.29
N ARG B 34 -5.55 24.79 16.31
CA ARG B 34 -5.77 23.79 17.36
C ARG B 34 -4.61 23.82 18.34
N ARG B 35 -4.78 23.16 19.48
CA ARG B 35 -3.68 23.05 20.45
C ARG B 35 -2.68 22.01 20.00
N LEU B 36 -1.43 22.19 20.44
CA LEU B 36 -0.32 21.27 20.20
C LEU B 36 0.17 20.64 21.51
N VAL B 37 0.24 19.30 21.51
CA VAL B 37 0.49 18.50 22.71
C VAL B 37 1.57 17.48 22.39
N VAL B 38 2.56 17.36 23.27
CA VAL B 38 3.54 16.31 23.13
C VAL B 38 3.53 15.43 24.39
N LEU B 39 3.47 14.10 24.18
CA LEU B 39 3.64 13.11 25.27
C LEU B 39 5.13 12.80 25.40
N ALA B 40 5.70 12.88 26.60
CA ALA B 40 7.14 12.72 26.79
C ALA B 40 7.34 11.76 27.96
N THR B 41 8.41 11.02 27.92
CA THR B 41 8.71 10.03 28.96
C THR B 41 9.99 10.51 29.66
N PRO B 42 10.29 9.95 30.84
CA PRO B 42 11.41 10.38 31.68
C PRO B 42 12.79 10.51 31.03
N GLN B 43 13.05 9.75 29.98
CA GLN B 43 14.33 9.75 29.26
C GLN B 43 14.58 11.04 28.45
N VAL B 44 13.53 11.80 28.15
CA VAL B 44 13.67 13.14 27.58
C VAL B 44 14.33 14.05 28.64
N SER B 45 15.42 14.70 28.27
CA SER B 45 16.18 15.50 29.24
C SER B 45 15.37 16.69 29.71
N ASP B 46 15.70 17.21 30.89
CA ASP B 46 15.00 18.39 31.44
C ASP B 46 15.05 19.59 30.49
N SER B 47 16.22 19.80 29.90
CA SER B 47 16.43 20.91 29.01
C SER B 47 15.58 20.78 27.77
N MET B 48 15.52 19.57 27.21
CA MET B 48 14.66 19.29 26.06
C MET B 48 13.19 19.49 26.35
N ARG B 49 12.75 19.06 27.53
CA ARG B 49 11.35 19.28 27.94
C ARG B 49 11.00 20.79 27.92
N LYS B 50 11.91 21.60 28.44
CA LYS B 50 11.79 23.06 28.40
CA LYS B 50 11.75 23.05 28.40
C LYS B 50 11.65 23.55 26.95
N VAL B 51 12.54 23.08 26.07
CA VAL B 51 12.47 23.40 24.64
C VAL B 51 11.13 22.95 24.04
N LEU B 52 10.65 21.77 24.41
CA LEU B 52 9.34 21.32 23.94
C LEU B 52 8.21 22.24 24.37
N GLU B 53 8.34 22.81 25.56
CA GLU B 53 7.38 23.77 26.08
C GLU B 53 7.35 25.08 25.28
N THR B 54 8.41 25.41 24.54
CA THR B 54 8.39 26.61 23.69
C THR B 54 7.58 26.42 22.42
N VAL B 55 7.42 25.18 21.96
CA VAL B 55 6.73 24.88 20.70
C VAL B 55 5.31 24.35 20.97
N PHE B 56 5.19 23.52 22.00
CA PHE B 56 3.96 22.80 22.30
C PHE B 56 3.18 23.54 23.39
N ASP B 57 1.87 23.54 23.31
CA ASP B 57 1.03 24.18 24.32
C ASP B 57 1.05 23.38 25.63
N GLU B 58 1.17 22.04 25.53
CA GLU B 58 1.30 21.15 26.67
C GLU B 58 2.39 20.13 26.39
N VAL B 59 3.31 19.96 27.34
CA VAL B 59 4.22 18.81 27.41
C VAL B 59 3.69 17.91 28.56
N ILE B 60 3.23 16.71 28.23
CA ILE B 60 2.63 15.86 29.26
C ILE B 60 3.53 14.66 29.52
N MET B 61 4.00 14.54 30.77
CA MET B 61 4.83 13.41 31.16
C MET B 61 4.00 12.14 31.37
N VAL B 62 4.43 11.07 30.71
CA VAL B 62 3.82 9.76 30.83
C VAL B 62 4.90 8.70 31.00
N ASP B 63 4.48 7.52 31.44
CA ASP B 63 5.40 6.40 31.64
C ASP B 63 5.57 5.66 30.32
N VAL B 64 6.77 5.17 30.07
CA VAL B 64 6.99 4.32 28.92
C VAL B 64 6.13 3.05 29.03
N LEU B 65 5.53 2.64 27.91
CA LEU B 65 4.93 1.31 27.79
C LEU B 65 5.67 0.54 26.70
N ASP B 66 6.24 -0.61 27.06
CA ASP B 66 7.13 -1.34 26.17
C ASP B 66 6.57 -2.77 26.02
N SER B 67 6.31 -3.18 24.77
CA SER B 67 5.79 -4.52 24.49
C SER B 67 6.76 -5.66 24.86
N GLY B 68 8.06 -5.38 24.82
CA GLY B 68 9.08 -6.41 25.06
C GLY B 68 9.04 -7.53 24.05
N ASP B 69 8.28 -7.36 22.97
CA ASP B 69 8.01 -8.42 22.02
C ASP B 69 9.13 -8.52 20.97
N SER B 70 10.28 -9.06 21.37
CA SER B 70 11.42 -9.11 20.45
C SER B 70 11.09 -9.89 19.19
N ALA B 71 10.31 -10.97 19.32
CA ALA B 71 9.96 -11.86 18.20
C ALA B 71 9.28 -11.13 17.04
N HIS B 72 8.20 -10.40 17.32
CA HIS B 72 7.46 -9.70 16.24
C HIS B 72 8.21 -8.45 15.77
N LEU B 73 8.80 -7.70 16.69
CA LEU B 73 9.63 -6.59 16.28
C LEU B 73 10.75 -7.01 15.31
N THR B 74 11.36 -8.18 15.51
CA THR B 74 12.41 -8.69 14.61
C THR B 74 11.85 -9.01 13.23
N LEU B 75 10.64 -9.57 13.22
CA LEU B 75 9.90 -9.81 11.99
C LEU B 75 9.77 -8.53 11.14
N MET B 76 9.77 -7.36 11.80
CA MET B 76 9.76 -6.05 11.11
C MET B 76 11.16 -5.52 10.86
N LYS B 77 12.17 -6.15 11.46
CA LYS B 77 13.50 -5.59 11.56
C LYS B 77 13.46 -4.17 12.18
N ARG B 78 12.63 -3.97 13.20
CA ARG B 78 12.68 -2.72 14.00
C ARG B 78 12.68 -3.08 15.49
N PRO B 79 13.82 -3.60 15.98
CA PRO B 79 13.91 -4.07 17.37
C PRO B 79 13.71 -3.00 18.46
N GLU B 80 13.75 -1.71 18.09
CA GLU B 80 13.65 -0.61 19.03
C GLU B 80 12.20 -0.09 19.23
N LEU B 81 11.27 -0.61 18.47
CA LEU B 81 9.94 -0.01 18.45
C LEU B 81 8.99 -0.59 19.50
N GLY B 82 9.49 -1.38 20.45
CA GLY B 82 8.61 -1.84 21.52
C GLY B 82 8.00 -0.72 22.35
N VAL B 83 8.76 0.37 22.51
CA VAL B 83 8.30 1.53 23.25
C VAL B 83 7.17 2.32 22.56
N THR B 84 6.79 1.98 21.31
CA THR B 84 5.69 2.66 20.64
C THR B 84 4.34 2.39 21.29
N LEU B 85 4.25 1.38 22.14
CA LEU B 85 3.02 1.21 22.92
C LEU B 85 2.71 2.43 23.79
N THR B 86 3.73 3.26 24.06
CA THR B 86 3.55 4.49 24.82
C THR B 86 2.52 5.39 24.17
N LYS B 87 2.32 5.23 22.85
CA LYS B 87 1.32 5.99 22.11
C LYS B 87 -0.10 5.85 22.67
N LEU B 88 -0.41 4.72 23.29
CA LEU B 88 -1.75 4.45 23.75
C LEU B 88 -2.24 5.47 24.78
N HIS B 89 -1.31 6.12 25.50
CA HIS B 89 -1.63 7.24 26.38
C HIS B 89 -2.36 8.39 25.72
N CYS B 90 -2.24 8.56 24.41
CA CYS B 90 -2.98 9.64 23.72
C CYS B 90 -4.50 9.60 24.02
N TRP B 91 -5.03 8.39 24.27
CA TRP B 91 -6.46 8.24 24.62
C TRP B 91 -6.88 8.77 26.01
N SER B 92 -5.92 9.07 26.87
CA SER B 92 -6.22 9.55 28.23
C SER B 92 -6.48 11.05 28.27
N LEU B 93 -6.22 11.72 27.15
CA LEU B 93 -6.24 13.17 27.10
C LEU B 93 -7.65 13.70 27.01
N THR B 94 -8.44 13.43 28.05
CA THR B 94 -9.87 13.71 28.03
C THR B 94 -10.22 15.20 28.16
N GLN B 95 -9.21 16.04 28.40
CA GLN B 95 -9.40 17.48 28.33
C GLN B 95 -9.74 17.91 26.90
N TYR B 96 -9.46 17.04 25.92
CA TYR B 96 -9.82 17.28 24.51
C TYR B 96 -10.93 16.33 24.06
N SER B 97 -11.87 16.87 23.28
CA SER B 97 -12.97 16.08 22.69
C SER B 97 -12.58 15.33 21.42
N LYS B 98 -11.56 15.79 20.71
CA LYS B 98 -11.05 15.12 19.50
C LYS B 98 -9.59 15.49 19.19
N CYS B 99 -8.81 14.52 18.78
CA CYS B 99 -7.41 14.82 18.53
C CYS B 99 -6.93 14.17 17.24
N VAL B 100 -5.85 14.70 16.68
CA VAL B 100 -5.11 14.02 15.64
C VAL B 100 -3.74 13.61 16.24
N PHE B 101 -3.46 12.31 16.30
CA PHE B 101 -2.17 11.84 16.66
C PHE B 101 -1.29 11.88 15.41
N MET B 102 -0.06 12.35 15.54
CA MET B 102 0.94 12.37 14.47
C MET B 102 2.26 11.90 15.01
N ASP B 103 2.86 10.88 14.37
CA ASP B 103 4.20 10.43 14.69
C ASP B 103 5.18 11.62 14.72
N ALA B 104 6.24 11.50 15.51
CA ALA B 104 7.30 12.53 15.63
C ALA B 104 8.15 12.65 14.38
N ASP B 105 8.12 11.62 13.52
CA ASP B 105 8.81 11.61 12.20
C ASP B 105 7.88 12.03 11.03
N THR B 106 6.85 12.85 11.30
CA THR B 106 6.03 13.43 10.27
C THR B 106 6.30 14.94 10.14
N LEU B 107 5.87 15.50 9.01
CA LEU B 107 6.16 16.87 8.66
C LEU B 107 4.95 17.39 7.89
N VAL B 108 4.37 18.48 8.36
CA VAL B 108 3.19 19.05 7.74
C VAL B 108 3.57 20.07 6.66
N LEU B 109 2.92 19.95 5.50
CA LEU B 109 3.22 20.76 4.32
C LEU B 109 2.07 21.69 3.90
N ALA B 110 0.94 21.59 4.58
CA ALA B 110 -0.19 22.47 4.34
C ALA B 110 -1.12 22.41 5.55
N ASN B 111 -2.04 23.38 5.72
CA ASN B 111 -2.96 23.30 6.84
C ASN B 111 -3.81 22.02 6.72
N ILE B 112 -3.96 21.28 7.83
CA ILE B 112 -4.69 20.01 7.88
C ILE B 112 -5.72 19.99 8.97
N ASP B 113 -6.19 21.19 9.32
CA ASP B 113 -7.23 21.30 10.32
C ASP B 113 -8.59 20.69 9.89
N ASP B 114 -8.81 20.49 8.58
CA ASP B 114 -9.97 19.73 8.14
C ASP B 114 -10.03 18.25 8.61
N LEU B 115 -8.93 17.70 9.13
CA LEU B 115 -8.96 16.36 9.70
C LEU B 115 -9.94 16.26 10.91
N PHE B 116 -10.23 17.38 11.54
CA PHE B 116 -11.15 17.40 12.67
C PHE B 116 -12.62 17.32 12.31
N ASP B 117 -12.91 17.36 10.99
CA ASP B 117 -14.19 16.92 10.45
C ASP B 117 -14.37 15.40 10.52
N ARG B 118 -13.29 14.64 10.73
CA ARG B 118 -13.40 13.16 10.70
C ARG B 118 -13.75 12.56 12.10
N GLU B 119 -14.18 11.29 12.11
CA GLU B 119 -14.49 10.59 13.38
C GLU B 119 -13.48 9.49 13.67
N GLU B 120 -13.32 9.15 14.94
CA GLU B 120 -12.53 7.99 15.31
C GLU B 120 -13.07 6.74 14.64
N LEU B 121 -12.24 5.83 14.13
CA LEU B 121 -10.81 5.98 13.92
C LEU B 121 -10.65 6.21 12.42
N SER B 122 -10.10 7.38 12.06
CA SER B 122 -9.75 7.73 10.66
C SER B 122 -8.26 7.79 10.51
N ALA B 123 -7.81 7.07 9.51
CA ALA B 123 -6.43 6.93 9.22
C ALA B 123 -6.25 6.57 7.76
N ALA B 124 -5.03 6.72 7.28
CA ALA B 124 -4.68 6.38 5.93
C ALA B 124 -4.19 4.96 5.83
N PRO B 125 -4.36 4.32 4.67
CA PRO B 125 -3.86 2.96 4.42
C PRO B 125 -2.34 2.87 4.49
N ASP B 126 -1.85 1.79 5.07
CA ASP B 126 -0.44 1.51 5.15
C ASP B 126 0.09 0.97 3.83
N PRO B 127 1.21 1.54 3.30
CA PRO B 127 1.67 0.97 2.04
C PRO B 127 2.16 -0.46 2.12
N GLY B 128 2.62 -0.91 3.27
CA GLY B 128 3.03 -2.30 3.41
C GLY B 128 1.87 -3.23 3.13
N TRP B 129 0.82 -3.09 3.94
CA TRP B 129 -0.35 -3.95 3.93
C TRP B 129 -1.57 -3.01 3.93
N PRO B 130 -2.11 -2.66 2.76
CA PRO B 130 -3.04 -1.55 2.75
C PRO B 130 -4.45 -1.82 3.35
N ASP B 131 -4.74 -3.03 3.79
CA ASP B 131 -5.95 -3.28 4.59
C ASP B 131 -5.72 -3.02 6.07
N CYS B 132 -4.49 -2.65 6.42
CA CYS B 132 -4.17 -2.05 7.71
C CYS B 132 -3.99 -0.55 7.50
N PHE B 133 -4.43 0.24 8.47
CA PHE B 133 -4.09 1.67 8.49
C PHE B 133 -2.71 1.91 9.08
N ASN B 134 -2.01 2.94 8.56
CA ASN B 134 -0.78 3.38 9.20
C ASN B 134 -1.10 4.22 10.42
N SER B 135 -0.47 3.89 11.54
CA SER B 135 -0.74 4.55 12.84
C SER B 135 0.06 5.85 13.06
N GLY B 136 0.73 6.35 12.04
CA GLY B 136 1.44 7.63 12.11
C GLY B 136 0.60 8.90 12.07
N VAL B 137 -0.61 8.82 11.54
CA VAL B 137 -1.57 9.93 11.50
C VAL B 137 -2.93 9.35 11.73
N PHE B 138 -3.57 9.71 12.82
CA PHE B 138 -4.93 9.23 12.99
C PHE B 138 -5.81 10.16 13.81
N VAL B 139 -7.11 10.17 13.49
CA VAL B 139 -8.11 11.03 14.15
C VAL B 139 -8.84 10.17 15.19
N TYR B 140 -8.92 10.60 16.44
CA TYR B 140 -9.42 9.74 17.54
C TYR B 140 -10.08 10.61 18.58
N GLN B 141 -10.85 9.98 19.45
CA GLN B 141 -11.55 10.63 20.49
C GLN B 141 -11.03 10.13 21.83
N PRO B 142 -10.44 11.01 22.63
CA PRO B 142 -9.98 10.57 23.93
C PRO B 142 -11.10 10.06 24.81
N SER B 143 -10.83 8.99 25.55
CA SER B 143 -11.91 8.28 26.29
C SER B 143 -11.32 7.43 27.37
N VAL B 144 -11.83 7.52 28.59
CA VAL B 144 -11.39 6.59 29.65
C VAL B 144 -11.71 5.14 29.34
N GLU B 145 -12.87 4.87 28.73
CA GLU B 145 -13.23 3.53 28.28
C GLU B 145 -12.17 3.00 27.27
N THR B 146 -12.03 3.70 26.16
CA THR B 146 -11.14 3.24 25.08
C THR B 146 -9.68 3.11 25.53
N TYR B 147 -9.18 4.11 26.28
CA TYR B 147 -7.85 4.03 26.88
C TYR B 147 -7.64 2.75 27.65
N ASN B 148 -8.55 2.45 28.58
CA ASN B 148 -8.40 1.28 29.40
C ASN B 148 -8.60 -0.02 28.63
N GLN B 149 -9.45 -0.01 27.61
CA GLN B 149 -9.68 -1.20 26.80
C GLN B 149 -8.39 -1.47 26.01
N LEU B 150 -7.75 -0.41 25.51
CA LEU B 150 -6.48 -0.52 24.77
C LEU B 150 -5.34 -1.03 25.64
N LEU B 151 -5.17 -0.47 26.85
CA LEU B 151 -4.13 -0.96 27.78
C LEU B 151 -4.33 -2.45 28.14
N HIS B 152 -5.57 -2.83 28.43
CA HIS B 152 -5.89 -4.20 28.74
C HIS B 152 -5.54 -5.17 27.60
N LEU B 153 -5.97 -4.83 26.38
CA LEU B 153 -5.70 -5.67 25.20
C LEU B 153 -4.20 -5.78 25.02
N ALA B 154 -3.49 -4.68 25.19
CA ALA B 154 -2.02 -4.70 25.09
C ALA B 154 -1.36 -5.58 26.16
N SER B 155 -1.94 -5.62 27.36
CA SER B 155 -1.37 -6.44 28.44
C SER B 155 -1.59 -7.93 28.22
N GLU B 156 -2.78 -8.29 27.76
CA GLU B 156 -3.20 -9.68 27.70
C GLU B 156 -2.69 -10.35 26.43
N GLN B 157 -2.80 -9.61 25.32
CA GLN B 157 -2.65 -10.16 23.97
C GLN B 157 -1.41 -9.58 23.27
N GLY B 158 -1.03 -8.36 23.62
CA GLY B 158 0.10 -7.68 22.98
C GLY B 158 -0.30 -7.22 21.59
N SER B 159 0.70 -7.10 20.71
CA SER B 159 0.48 -6.57 19.36
C SER B 159 1.10 -7.51 18.34
N PHE B 160 0.43 -7.69 17.20
CA PHE B 160 0.95 -8.61 16.18
C PHE B 160 2.28 -8.14 15.53
N ASP B 161 2.62 -6.87 15.69
CA ASP B 161 3.90 -6.35 15.17
C ASP B 161 4.84 -5.87 16.28
N GLY B 162 4.43 -6.07 17.53
CA GLY B 162 5.25 -5.67 18.68
C GLY B 162 5.17 -4.19 19.03
N GLY B 163 4.41 -3.42 18.27
CA GLY B 163 4.33 -1.98 18.51
C GLY B 163 2.89 -1.52 18.46
N ASP B 164 2.69 -0.23 18.38
CA ASP B 164 1.33 0.30 18.44
C ASP B 164 0.46 -0.04 17.24
N GLN B 165 1.05 -0.14 16.06
CA GLN B 165 0.23 -0.29 14.85
C GLN B 165 -0.56 -1.59 14.83
N GLY B 166 0.06 -2.67 15.27
CA GLY B 166 -0.61 -3.96 15.30
C GLY B 166 -1.83 -3.96 16.18
N ILE B 167 -1.66 -3.56 17.43
CA ILE B 167 -2.76 -3.53 18.40
C ILE B 167 -3.84 -2.49 18.03
N LEU B 168 -3.47 -1.34 17.50
CA LEU B 168 -4.49 -0.37 17.02
C LEU B 168 -5.32 -0.92 15.86
N ASN B 169 -4.69 -1.62 14.92
CA ASN B 169 -5.44 -2.25 13.81
C ASN B 169 -6.35 -3.39 14.31
N THR B 170 -5.84 -4.16 15.26
CA THR B 170 -6.62 -5.23 15.88
C THR B 170 -7.84 -4.66 16.63
N PHE B 171 -7.64 -3.57 17.37
CA PHE B 171 -8.71 -2.96 18.14
C PHE B 171 -9.73 -2.33 17.21
N PHE B 172 -9.22 -1.64 16.19
CA PHE B 172 -10.08 -0.95 15.23
C PHE B 172 -10.15 -1.78 13.94
N SER B 173 -10.60 -3.02 14.07
CA SER B 173 -10.53 -4.01 13.00
C SER B 173 -11.52 -3.80 11.87
N SER B 174 -12.52 -2.95 12.04
CA SER B 174 -13.50 -2.71 10.97
C SER B 174 -13.00 -1.70 9.94
N TRP B 175 -11.87 -1.06 10.18
CA TRP B 175 -11.42 0.05 9.34
C TRP B 175 -11.40 -0.26 7.83
N ALA B 176 -10.85 -1.42 7.44
CA ALA B 176 -10.72 -1.79 6.01
C ALA B 176 -12.04 -1.93 5.30
N THR B 177 -13.08 -2.28 6.04
CA THR B 177 -14.31 -2.75 5.41
C THR B 177 -15.53 -1.90 5.69
N THR B 178 -15.42 -0.90 6.56
CA THR B 178 -16.55 -0.03 6.81
C THR B 178 -16.23 1.40 6.42
N ASP B 179 -17.23 2.26 6.52
CA ASP B 179 -17.12 3.69 6.29
C ASP B 179 -15.88 4.21 5.54
N ILE B 180 -16.06 4.48 4.26
CA ILE B 180 -14.99 5.07 3.46
C ILE B 180 -14.50 6.43 4.03
N ARG B 181 -15.39 7.18 4.70
CA ARG B 181 -14.99 8.48 5.23
CA ARG B 181 -15.03 8.48 5.27
C ARG B 181 -13.95 8.37 6.36
N LYS B 182 -13.75 7.16 6.87
CA LYS B 182 -12.67 6.92 7.84
C LYS B 182 -11.34 6.52 7.19
N HIS B 183 -11.32 6.39 5.85
CA HIS B 183 -10.08 6.27 5.08
C HIS B 183 -9.58 7.67 4.71
N LEU B 184 -8.51 8.09 5.38
CA LEU B 184 -7.89 9.36 5.04
C LEU B 184 -7.15 9.19 3.74
N PRO B 185 -7.26 10.17 2.84
CA PRO B 185 -6.44 10.22 1.64
C PRO B 185 -4.96 10.09 1.98
N PHE B 186 -4.25 9.40 1.10
CA PHE B 186 -2.88 9.00 1.33
C PHE B 186 -1.99 10.25 1.41
N ILE B 187 -2.44 11.36 0.84
CA ILE B 187 -1.75 12.65 1.01
C ILE B 187 -1.77 13.24 2.42
N TYR B 188 -2.58 12.69 3.31
CA TYR B 188 -2.48 13.08 4.73
C TYR B 188 -1.47 12.24 5.51
N ASN B 189 -0.83 11.26 4.85
CA ASN B 189 0.18 10.43 5.49
C ASN B 189 1.02 9.79 4.42
N LEU B 190 1.78 10.62 3.70
CA LEU B 190 2.49 10.15 2.49
C LEU B 190 3.87 9.61 2.87
N SER B 191 4.04 8.30 2.85
CA SER B 191 5.31 7.75 3.27
C SER B 191 6.29 7.83 2.11
N SER B 192 7.54 8.17 2.40
CA SER B 192 8.50 8.30 1.32
C SER B 192 8.69 7.01 0.51
N ILE B 193 8.29 5.84 1.04
CA ILE B 193 8.46 4.59 0.29
C ILE B 193 7.44 4.45 -0.86
N SER B 194 6.24 5.01 -0.70
CA SER B 194 5.29 5.10 -1.83
C SER B 194 5.81 5.96 -3.00
N ILE B 195 6.63 6.96 -2.68
CA ILE B 195 7.27 7.77 -3.70
C ILE B 195 8.23 6.92 -4.51
N TYR B 196 9.08 6.15 -3.82
CA TYR B 196 9.98 5.21 -4.47
C TYR B 196 9.24 4.07 -5.22
N SER B 197 8.19 3.53 -4.61
CA SER B 197 7.53 2.34 -5.16
C SER B 197 6.64 2.60 -6.37
N TYR B 198 5.87 3.69 -6.38
CA TYR B 198 5.08 4.00 -7.59
C TYR B 198 5.23 5.46 -7.99
N LEU B 199 6.41 5.76 -8.50
CA LEU B 199 6.80 7.15 -8.82
C LEU B 199 5.81 7.80 -9.78
N PRO B 200 5.29 7.05 -10.76
CA PRO B 200 4.31 7.71 -11.64
C PRO B 200 3.11 8.32 -10.88
N ALA B 201 2.62 7.63 -9.85
CA ALA B 201 1.54 8.15 -9.02
C ALA B 201 1.96 9.42 -8.26
N PHE B 202 3.13 9.37 -7.66
CA PHE B 202 3.68 10.57 -7.02
C PHE B 202 3.78 11.77 -7.97
N LYS B 203 4.24 11.54 -9.18
CA LYS B 203 4.37 12.63 -10.15
C LYS B 203 3.01 13.27 -10.47
N VAL B 204 1.94 12.48 -10.50
CA VAL B 204 0.63 12.99 -10.85
C VAL B 204 -0.14 13.52 -9.58
N PHE B 205 0.08 12.90 -8.43
CA PHE B 205 -0.66 13.26 -7.21
C PHE B 205 0.13 13.98 -6.11
N GLY B 206 1.46 13.90 -6.14
CA GLY B 206 2.29 14.34 -5.03
C GLY B 206 2.33 15.84 -4.76
N ALA B 207 2.04 16.65 -5.78
CA ALA B 207 1.90 18.10 -5.58
C ALA B 207 0.82 18.45 -4.53
N SER B 208 -0.14 17.57 -4.33
CA SER B 208 -1.18 17.76 -3.31
C SER B 208 -0.81 17.28 -1.91
N ALA B 209 0.40 16.75 -1.71
CA ALA B 209 0.80 16.19 -0.41
C ALA B 209 0.61 17.18 0.71
N LYS B 210 -0.01 16.73 1.79
CA LYS B 210 -0.25 17.55 2.98
C LYS B 210 0.63 17.17 4.17
N VAL B 211 0.98 15.88 4.27
CA VAL B 211 1.84 15.37 5.31
C VAL B 211 2.79 14.36 4.68
N VAL B 212 4.07 14.49 4.97
CA VAL B 212 5.04 13.44 4.63
C VAL B 212 5.50 12.70 5.88
N HIS B 213 5.73 11.38 5.74
CA HIS B 213 6.01 10.52 6.90
C HIS B 213 7.27 9.76 6.59
N PHE B 214 8.30 10.03 7.38
CA PHE B 214 9.65 9.48 7.13
C PHE B 214 9.80 8.13 7.80
N LEU B 215 8.83 7.28 7.46
CA LEU B 215 8.64 5.94 7.97
C LEU B 215 9.87 5.08 7.70
N GLY B 216 10.26 4.25 8.66
CA GLY B 216 11.37 3.31 8.46
C GLY B 216 12.59 3.65 9.30
N ARG B 217 13.59 2.76 9.27
CA ARG B 217 14.69 2.82 10.24
C ARG B 217 15.49 4.13 10.27
N VAL B 218 15.83 4.65 9.09
CA VAL B 218 16.59 5.89 8.95
C VAL B 218 15.68 7.13 9.07
N LYS B 219 15.95 7.98 10.07
CA LYS B 219 15.15 9.17 10.29
C LYS B 219 15.86 10.44 9.85
N PRO B 220 15.10 11.54 9.63
CA PRO B 220 15.72 12.73 9.05
C PRO B 220 16.92 13.19 9.87
N TRP B 221 16.82 13.07 11.19
CA TRP B 221 17.89 13.51 12.11
C TRP B 221 19.15 12.63 12.09
N ASN B 222 19.13 11.51 11.37
CA ASN B 222 20.32 10.65 11.22
C ASN B 222 21.22 11.02 10.05
N TYR B 223 20.72 11.88 9.17
CA TYR B 223 21.47 12.44 8.04
C TYR B 223 22.43 13.55 8.43
N THR B 224 23.47 13.68 7.61
CA THR B 224 24.42 14.78 7.67
C THR B 224 23.96 15.82 6.67
N TYR B 225 23.46 16.95 7.19
CA TYR B 225 23.05 18.08 6.38
C TYR B 225 24.11 19.21 6.34
N ASP B 226 24.35 19.75 5.15
CA ASP B 226 25.14 20.96 4.95
C ASP B 226 24.22 22.18 4.69
N PRO B 227 24.05 23.06 5.69
CA PRO B 227 23.26 24.30 5.58
C PRO B 227 23.66 25.30 4.50
N LYS B 228 24.90 25.23 4.04
CA LYS B 228 25.37 26.16 3.01
C LYS B 228 24.77 25.82 1.67
N THR B 229 24.90 24.56 1.26
CA THR B 229 24.44 24.12 -0.07
C THR B 229 23.03 23.51 -0.02
N LYS B 230 22.60 23.11 1.17
CA LYS B 230 21.28 22.52 1.44
C LYS B 230 21.23 21.12 0.82
N SER B 231 22.26 20.35 1.12
CA SER B 231 22.36 18.97 0.66
C SER B 231 22.53 18.06 1.86
N VAL B 232 22.15 16.79 1.70
CA VAL B 232 22.46 15.76 2.68
C VAL B 232 23.40 14.76 2.06
N LYS B 233 24.22 14.10 2.88
CA LYS B 233 24.99 12.94 2.45
C LYS B 233 24.05 11.73 2.45
N SER B 234 24.07 10.95 1.36
CA SER B 234 23.17 9.79 1.21
C SER B 234 23.93 8.55 0.76
N GLU B 235 23.43 7.38 1.17
CA GLU B 235 24.06 6.11 0.87
C GLU B 235 23.13 5.26 0.02
N ALA B 236 23.72 4.33 -0.72
CA ALA B 236 23.01 3.14 -1.18
C ALA B 236 21.70 3.41 -1.92
N HIS B 237 20.66 2.66 -1.59
CA HIS B 237 19.31 2.84 -2.13
C HIS B 237 18.47 3.43 -1.01
N ASP B 238 18.27 4.74 -1.05
CA ASP B 238 17.62 5.45 0.01
C ASP B 238 16.32 6.05 -0.56
N PRO B 239 15.15 5.44 -0.23
CA PRO B 239 13.87 5.91 -0.79
C PRO B 239 13.57 7.35 -0.44
N ASN B 240 14.16 7.83 0.65
CA ASN B 240 14.08 9.25 1.00
C ASN B 240 14.73 10.17 -0.02
N MET B 241 15.59 9.63 -0.88
CA MET B 241 16.27 10.45 -1.89
C MET B 241 15.62 10.41 -3.28
N THR B 242 14.49 9.73 -3.41
CA THR B 242 13.73 9.73 -4.66
C THR B 242 13.24 11.15 -4.90
N HIS B 243 12.60 11.70 -3.88
CA HIS B 243 12.28 13.11 -3.85
C HIS B 243 12.82 13.70 -2.58
N PRO B 244 14.12 14.05 -2.63
CA PRO B 244 14.82 14.54 -1.44
C PRO B 244 14.27 15.89 -0.95
N GLU B 245 13.41 16.52 -1.77
CA GLU B 245 12.68 17.77 -1.45
C GLU B 245 12.17 17.76 0.01
N PHE B 246 11.54 16.67 0.41
CA PHE B 246 10.91 16.61 1.72
C PHE B 246 11.94 16.53 2.84
N LEU B 247 12.98 15.73 2.66
CA LEU B 247 14.05 15.66 3.63
C LEU B 247 14.73 17.02 3.81
N ILE B 248 14.96 17.73 2.70
CA ILE B 248 15.60 19.04 2.74
C ILE B 248 14.72 20.07 3.42
N LEU B 249 13.41 19.98 3.22
CA LEU B 249 12.46 20.84 3.92
C LEU B 249 12.52 20.62 5.44
N TRP B 250 12.55 19.35 5.86
CA TRP B 250 12.71 18.96 7.28
C TRP B 250 13.97 19.66 7.85
N TRP B 251 15.09 19.57 7.13
CA TRP B 251 16.34 20.12 7.63
C TRP B 251 16.35 21.65 7.65
N ASN B 252 15.72 22.28 6.67
CA ASN B 252 15.62 23.71 6.66
C ASN B 252 14.78 24.24 7.81
N ILE B 253 13.66 23.61 8.10
CA ILE B 253 12.86 23.92 9.30
C ILE B 253 13.67 23.67 10.59
N PHE B 254 14.31 22.52 10.70
CA PHE B 254 15.15 22.23 11.84
C PHE B 254 16.23 23.30 12.05
N THR B 255 16.97 23.59 10.99
CA THR B 255 18.15 24.48 11.09
C THR B 255 17.75 25.90 11.45
N THR B 256 16.64 26.39 10.89
CA THR B 256 16.22 27.75 11.08
C THR B 256 15.41 27.97 12.36
N ASN B 257 14.49 27.05 12.62
CA ASN B 257 13.49 27.21 13.68
C ASN B 257 13.78 26.51 14.99
N VAL B 258 14.51 25.39 14.92
CA VAL B 258 14.71 24.50 16.05
C VAL B 258 16.14 24.44 16.61
N LEU B 259 17.13 24.25 15.74
CA LEU B 259 18.52 24.09 16.15
C LEU B 259 18.99 25.21 17.08
N PRO B 260 18.53 26.46 16.83
CA PRO B 260 19.05 27.54 17.68
C PRO B 260 18.64 27.43 19.14
N LEU B 261 17.52 26.76 19.41
CA LEU B 261 17.08 26.50 20.77
C LEU B 261 17.89 25.36 21.43
N LEU B 262 18.61 24.58 20.62
CA LEU B 262 19.30 23.38 21.10
C LEU B 262 20.78 23.57 21.38
N GLN B 263 21.43 24.41 20.59
CA GLN B 263 22.86 24.64 20.66
C GLN B 263 23.18 26.04 20.09
#